data_4RTF
#
_entry.id   4RTF
#
_cell.length_a   117.866
_cell.length_b   117.866
_cell.length_c   134.943
_cell.angle_alpha   90.00
_cell.angle_beta   90.00
_cell.angle_gamma   120.00
#
_symmetry.space_group_name_H-M   'P 64 2 2'
#
loop_
_entity.id
_entity.type
_entity.pdbx_description
1 polymer 'Chaperone protein DnaK'
2 non-polymer "ADENOSINE-5'-TRIPHOSPHATE"
3 non-polymer 'TETRAETHYLENE GLYCOL'
4 water water
#
_entity_poly.entity_id   1
_entity_poly.type   'polypeptide(L)'
_entity_poly.pdbx_seq_one_letter_code
;MHHHHHHSSGVDLWSHPQFEKGTENLYFQSNAMARAVGIDLGTTNSVVSVLEGGDPVVVANSEGSRTTPSIVAFARNGEV
LVGQPAKNQAVTNVDRTVRSVKRHMGSDWSIEIDGKKYTAPEISARILMKLKRDAEAYLGEDITDAVITTPAYFNDAQRQ
ATKDAGQIAGLNVLRIVNEPTAAALAYGLDKGEKEQRILVFDLGGGTFDVSLLEIGEGVVEVRATSGDNHLGGDDWDQRV
VDWLVDKFKGTSGIDLTKDKMAMQRLREAAEKAKIELSSSQSTSINLPYITVDADKNPLFLDEQLTRAEFQRITQDLLDR
TRKPFQSVIADTGISVSEIDHVVLVGGSTRMPAVTDLVKELTGGKEPNKGVNPDEVVAVGAALQAGVLKGEVKDVLLLDV
TPLSLGIETKGGVMTRLIERNTTIPTKRSETFTTADDNQPSVQIQVYQGEREIAAHNKLLGSFELTGIPPAPRGIPQIEV
TFDIDANGIVHVTAKDKGTGKENTIRIQEGSGLSKEDIDRMIKDAEAHAEEDRKRREEADVRNQAE
;
_entity_poly.pdbx_strand_id   D
#
# COMPACT_ATOMS: atom_id res chain seq x y z
N ARG A 35 17.64 9.98 14.45
CA ARG A 35 16.95 11.32 14.46
C ARG A 35 16.24 11.63 13.15
N ALA A 36 16.78 11.13 12.03
CA ALA A 36 16.20 11.41 10.72
C ALA A 36 15.10 10.39 10.36
N VAL A 37 13.84 10.82 10.19
CA VAL A 37 12.83 9.81 9.89
C VAL A 37 11.98 10.12 8.68
N GLY A 38 11.63 9.05 7.95
CA GLY A 38 10.80 9.15 6.74
C GLY A 38 9.48 8.40 6.89
N ILE A 39 8.41 8.93 6.30
CA ILE A 39 7.09 8.29 6.40
C ILE A 39 6.31 8.12 5.09
N ASP A 40 5.91 6.86 4.81
CA ASP A 40 5.11 6.48 3.65
C ASP A 40 3.69 6.45 4.18
N LEU A 41 2.91 7.46 3.80
CA LEU A 41 1.55 7.57 4.26
C LEU A 41 0.72 7.09 3.09
N GLY A 42 0.54 5.77 3.06
CA GLY A 42 -0.20 5.11 1.97
C GLY A 42 -1.71 5.08 2.04
N THR A 43 -2.34 4.96 0.90
CA THR A 43 -3.79 4.84 0.85
C THR A 43 -4.25 3.70 1.79
N THR A 44 -3.64 2.51 1.69
CA THR A 44 -4.11 1.38 2.52
C THR A 44 -3.16 0.96 3.64
N ASN A 45 -1.89 1.29 3.48
CA ASN A 45 -0.87 0.98 4.49
C ASN A 45 0.18 2.07 4.57
N SER A 46 0.61 2.32 5.80
CA SER A 46 1.65 3.27 6.04
C SER A 46 2.81 2.55 6.71
N VAL A 47 4.00 3.10 6.52
CA VAL A 47 5.16 2.56 7.17
C VAL A 47 6.14 3.68 7.50
N VAL A 48 6.95 3.45 8.53
CA VAL A 48 7.88 4.45 9.01
C VAL A 48 9.32 3.96 9.11
N SER A 49 10.22 4.70 8.46
CA SER A 49 11.63 4.34 8.48
C SER A 49 12.51 5.40 9.13
N VAL A 50 13.52 4.92 9.87
CA VAL A 50 14.50 5.84 10.50
C VAL A 50 15.89 5.39 10.05
N LEU A 51 16.83 6.35 10.00
CA LEU A 51 18.21 6.04 9.64
C LEU A 51 19.04 5.66 10.86
N GLU A 52 20.07 4.84 10.66
CA GLU A 52 21.02 4.48 11.74
C GLU A 52 22.26 4.41 10.91
N GLY A 53 23.33 5.10 11.32
CA GLY A 53 24.51 5.18 10.45
C GLY A 53 23.91 5.86 9.23
N GLY A 54 24.38 5.57 8.02
CA GLY A 54 23.76 6.17 6.83
C GLY A 54 22.74 5.17 6.30
N ASP A 55 22.32 4.27 7.20
CA ASP A 55 21.44 3.15 6.88
C ASP A 55 19.96 3.06 7.36
N PRO A 56 19.03 3.04 6.40
CA PRO A 56 17.62 2.98 6.68
C PRO A 56 17.17 1.67 7.34
N VAL A 57 16.31 1.82 8.33
CA VAL A 57 15.74 0.73 9.07
C VAL A 57 14.23 0.92 9.05
N VAL A 58 13.50 -0.17 8.87
CA VAL A 58 12.07 -0.09 8.79
C VAL A 58 11.44 -0.54 10.10
N VAL A 59 10.92 0.41 10.85
CA VAL A 59 10.40 0.14 12.18
C VAL A 59 9.17 -0.72 12.21
N ALA A 60 9.04 -1.50 13.29
CA ALA A 60 7.89 -2.37 13.50
C ALA A 60 6.91 -1.69 14.44
N ASN A 61 5.63 -1.80 14.11
CA ASN A 61 4.57 -1.20 14.90
C ASN A 61 4.37 -1.95 16.21
N SER A 62 3.52 -1.43 17.08
CA SER A 62 3.24 -2.07 18.37
C SER A 62 2.58 -3.45 18.24
N GLU A 63 2.30 -3.88 17.02
CA GLU A 63 1.66 -5.19 16.84
C GLU A 63 2.66 -6.14 16.24
N GLY A 64 3.89 -5.66 16.06
CA GLY A 64 4.94 -6.48 15.48
C GLY A 64 5.03 -6.50 13.96
N SER A 65 4.38 -5.57 13.28
CA SER A 65 4.41 -5.51 11.81
C SER A 65 5.08 -4.25 11.28
N ARG A 66 5.76 -4.40 10.15
CA ARG A 66 6.40 -3.27 9.50
C ARG A 66 5.44 -2.45 8.64
N THR A 67 4.18 -2.85 8.62
CA THR A 67 3.13 -2.16 7.87
C THR A 67 1.96 -2.00 8.81
N THR A 68 1.39 -0.83 8.75
CA THR A 68 0.31 -0.42 9.57
C THR A 68 -0.78 0.04 8.61
N PRO A 69 -1.92 -0.66 8.62
CA PRO A 69 -3.06 -0.29 7.77
C PRO A 69 -3.45 1.16 8.03
N SER A 70 -3.79 1.89 6.98
CA SER A 70 -4.18 3.30 7.10
C SER A 70 -5.65 3.37 7.41
N ILE A 71 -6.04 2.89 8.57
CA ILE A 71 -7.46 2.87 8.91
C ILE A 71 -7.64 3.43 10.29
N VAL A 72 -8.60 4.33 10.43
CA VAL A 72 -8.83 4.95 11.70
C VAL A 72 -10.27 4.68 12.08
N ALA A 73 -10.51 4.30 13.34
CA ALA A 73 -11.89 4.05 13.80
C ALA A 73 -12.22 4.46 15.25
N PHE A 74 -13.49 4.81 15.47
CA PHE A 74 -13.95 5.27 16.79
C PHE A 74 -14.92 4.28 17.39
N ALA A 75 -14.53 3.63 18.49
CA ALA A 75 -15.36 2.64 19.14
C ALA A 75 -16.60 3.37 19.62
N ARG A 76 -17.67 2.60 19.84
CA ARG A 76 -18.89 3.08 20.50
C ARG A 76 -18.65 3.32 21.98
N ASN A 77 -17.74 4.25 22.23
CA ASN A 77 -17.33 4.67 23.58
C ASN A 77 -16.48 5.92 23.50
N GLY A 78 -15.61 6.00 22.49
CA GLY A 78 -14.75 7.15 22.31
C GLY A 78 -13.26 6.87 22.22
N GLU A 79 -12.88 5.59 22.31
CA GLU A 79 -11.49 5.18 22.10
C GLU A 79 -11.16 5.04 20.61
N VAL A 80 -10.05 5.64 20.21
CA VAL A 80 -9.64 5.62 18.82
C VAL A 80 -8.75 4.42 18.58
N LEU A 81 -9.08 3.66 17.56
CA LEU A 81 -8.34 2.49 17.18
C LEU A 81 -7.71 2.84 15.86
N VAL A 82 -6.43 2.55 15.73
CA VAL A 82 -5.74 2.87 14.50
C VAL A 82 -4.97 1.63 14.04
N GLY A 83 -5.00 1.36 12.74
CA GLY A 83 -4.27 0.23 12.20
C GLY A 83 -5.00 -1.12 12.22
N GLN A 84 -4.24 -2.18 12.38
CA GLN A 84 -4.83 -3.51 12.38
C GLN A 84 -6.07 -3.64 13.32
N PRO A 85 -6.01 -3.03 14.53
CA PRO A 85 -7.17 -3.15 15.41
C PRO A 85 -8.38 -2.40 14.82
N ALA A 86 -8.13 -1.45 13.94
CA ALA A 86 -9.23 -0.75 13.29
C ALA A 86 -9.74 -1.67 12.18
N LYS A 87 -8.82 -2.18 11.36
CA LYS A 87 -9.19 -3.07 10.27
C LYS A 87 -9.98 -4.26 10.76
N ASN A 88 -9.59 -4.84 11.89
CA ASN A 88 -10.31 -6.00 12.38
C ASN A 88 -11.81 -5.77 12.59
N GLN A 89 -12.19 -4.56 12.96
CA GLN A 89 -13.57 -4.24 13.29
C GLN A 89 -14.30 -3.35 12.30
N ALA A 90 -13.60 -2.98 11.23
CA ALA A 90 -14.17 -2.17 10.17
C ALA A 90 -15.58 -2.59 9.79
N VAL A 91 -15.78 -3.89 9.65
CA VAL A 91 -17.09 -4.41 9.20
C VAL A 91 -18.25 -4.41 10.23
N THR A 92 -17.92 -4.58 11.51
CA THR A 92 -18.95 -4.57 12.54
C THR A 92 -19.21 -3.15 13.03
N ASN A 93 -18.39 -2.21 12.59
CA ASN A 93 -18.53 -0.81 12.98
C ASN A 93 -18.27 0.10 11.77
N VAL A 94 -18.86 -0.27 10.66
CA VAL A 94 -18.74 0.42 9.38
C VAL A 94 -18.82 1.95 9.48
N ASP A 95 -19.89 2.42 10.08
CA ASP A 95 -20.17 3.85 10.19
C ASP A 95 -19.22 4.74 10.95
N ARG A 96 -18.39 4.12 11.77
CA ARG A 96 -17.41 4.87 12.55
C ARG A 96 -16.00 4.51 12.13
N THR A 97 -15.87 3.86 10.98
CA THR A 97 -14.56 3.43 10.48
C THR A 97 -14.29 4.15 9.17
N VAL A 98 -13.10 4.74 9.06
CA VAL A 98 -12.68 5.50 7.88
C VAL A 98 -11.51 4.82 7.16
N ARG A 99 -11.74 4.37 5.93
CA ARG A 99 -10.69 3.71 5.18
C ARG A 99 -10.37 4.59 4.00
N SER A 100 -9.15 4.54 3.51
CA SER A 100 -8.77 5.37 2.37
C SER A 100 -9.03 6.87 2.58
N VAL A 101 -8.92 7.34 3.81
CA VAL A 101 -9.04 8.79 4.04
C VAL A 101 -8.07 9.55 3.10
N LYS A 102 -6.94 8.93 2.74
CA LYS A 102 -6.00 9.59 1.83
C LYS A 102 -6.67 10.07 0.53
N ARG A 103 -7.68 9.35 0.05
CA ARG A 103 -8.36 9.81 -1.17
C ARG A 103 -9.07 11.15 -0.99
N HIS A 104 -9.21 11.63 0.25
CA HIS A 104 -9.97 12.86 0.50
C HIS A 104 -9.13 14.09 0.81
N MET A 105 -7.87 13.87 1.11
CA MET A 105 -6.98 14.93 1.53
C MET A 105 -7.11 16.35 1.04
N GLY A 106 -7.09 16.59 -0.26
CA GLY A 106 -7.23 18.02 -0.65
C GLY A 106 -8.66 18.50 -0.67
N SER A 107 -9.48 18.06 0.28
CA SER A 107 -10.91 18.39 0.31
C SER A 107 -11.42 18.93 1.60
N ASP A 108 -12.71 19.25 1.57
CA ASP A 108 -13.43 19.78 2.71
C ASP A 108 -14.20 18.62 3.32
N TRP A 109 -13.90 17.41 2.84
CA TRP A 109 -14.49 16.16 3.35
C TRP A 109 -14.37 16.14 4.86
N SER A 110 -15.31 15.48 5.53
CA SER A 110 -15.26 15.38 6.98
C SER A 110 -16.20 14.30 7.43
N ILE A 111 -15.98 13.82 8.64
CA ILE A 111 -16.85 12.80 9.17
C ILE A 111 -17.30 13.21 10.56
N GLU A 112 -18.59 13.07 10.81
CA GLU A 112 -19.12 13.47 12.09
C GLU A 112 -19.22 12.33 13.10
N ILE A 113 -18.35 12.39 14.10
CA ILE A 113 -18.34 11.40 15.17
C ILE A 113 -18.87 12.00 16.46
N ASP A 114 -20.16 11.77 16.69
CA ASP A 114 -20.84 12.29 17.87
C ASP A 114 -20.37 13.72 17.76
N GLY A 115 -19.60 14.14 18.76
CA GLY A 115 -19.26 15.53 18.99
C GLY A 115 -18.65 16.35 17.88
N LYS A 116 -17.53 15.90 17.31
CA LYS A 116 -16.86 16.74 16.32
C LYS A 116 -16.58 16.24 14.91
N LYS A 117 -16.31 17.20 14.04
CA LYS A 117 -15.93 16.94 12.66
C LYS A 117 -14.45 16.73 12.65
N TYR A 118 -14.00 15.82 11.79
CA TYR A 118 -12.62 15.53 11.62
C TYR A 118 -12.37 15.70 10.14
N THR A 119 -11.47 16.62 9.82
CA THR A 119 -11.09 16.89 8.46
C THR A 119 -10.11 15.79 8.09
N ALA A 120 -9.93 15.55 6.80
CA ALA A 120 -9.00 14.50 6.38
C ALA A 120 -7.64 14.65 7.06
N PRO A 121 -7.11 15.88 7.16
CA PRO A 121 -5.81 15.93 7.84
C PRO A 121 -5.87 15.46 9.28
N GLU A 122 -6.97 15.73 9.97
CA GLU A 122 -7.14 15.32 11.35
C GLU A 122 -7.11 13.80 11.45
N ILE A 123 -7.77 13.14 10.50
CA ILE A 123 -7.77 11.68 10.47
C ILE A 123 -6.40 11.08 10.15
N SER A 124 -5.76 11.55 9.09
CA SER A 124 -4.44 11.04 8.75
C SER A 124 -3.54 11.16 9.97
N ALA A 125 -3.63 12.30 10.63
CA ALA A 125 -2.84 12.57 11.80
C ALA A 125 -2.87 11.38 12.73
N ARG A 126 -4.05 10.84 12.98
CA ARG A 126 -4.10 9.70 13.87
C ARG A 126 -3.21 8.52 13.47
N ILE A 127 -3.06 8.31 12.17
CA ILE A 127 -2.19 7.22 11.77
C ILE A 127 -0.76 7.71 12.08
N LEU A 128 -0.51 9.00 11.92
CA LEU A 128 0.82 9.51 12.18
C LEU A 128 1.15 9.42 13.68
N MET A 129 0.15 9.71 14.50
CA MET A 129 0.35 9.59 15.93
C MET A 129 0.66 8.13 16.28
N LYS A 130 -0.04 7.18 15.70
CA LYS A 130 0.32 5.79 16.03
C LYS A 130 1.71 5.43 15.51
N LEU A 131 2.06 5.86 14.32
CA LEU A 131 3.40 5.56 13.82
C LEU A 131 4.42 6.22 14.71
N LYS A 132 4.08 7.38 15.25
CA LYS A 132 4.97 8.13 16.14
C LYS A 132 5.20 7.36 17.44
N ARG A 133 4.14 7.06 18.19
CA ARG A 133 4.28 6.30 19.43
C ARG A 133 5.06 4.99 19.17
N ASP A 134 4.82 4.36 18.00
CA ASP A 134 5.48 3.09 17.68
C ASP A 134 6.98 3.24 17.37
N ALA A 135 7.38 4.28 16.65
CA ALA A 135 8.80 4.45 16.33
C ALA A 135 9.62 4.96 17.54
N GLU A 136 8.94 5.62 18.47
CA GLU A 136 9.60 6.10 19.66
C GLU A 136 10.00 4.88 20.47
N ALA A 137 9.05 3.98 20.65
CA ALA A 137 9.26 2.74 21.40
C ALA A 137 10.53 2.01 20.95
N TYR A 138 10.67 1.82 19.65
CA TYR A 138 11.83 1.15 19.08
C TYR A 138 13.15 1.87 19.33
N LEU A 139 13.17 3.18 19.20
CA LEU A 139 14.39 3.98 19.44
C LEU A 139 14.60 4.32 20.91
N GLY A 140 13.53 4.24 21.70
CA GLY A 140 13.60 4.59 23.12
C GLY A 140 13.52 6.11 23.28
N GLU A 141 14.07 6.84 22.31
CA GLU A 141 14.10 8.31 22.32
C GLU A 141 12.81 8.90 21.74
N ASP A 142 12.80 10.21 21.51
CA ASP A 142 11.66 10.91 20.89
C ASP A 142 11.91 11.54 19.52
N ILE A 143 10.80 11.71 18.80
CA ILE A 143 10.77 12.24 17.46
C ILE A 143 9.81 13.40 17.26
N THR A 144 10.19 14.33 16.41
CA THR A 144 9.47 15.59 16.23
C THR A 144 9.56 16.09 14.79
N ASP A 145 10.37 15.42 13.96
CA ASP A 145 10.59 15.85 12.58
C ASP A 145 10.70 14.69 11.57
N ALA A 146 9.99 14.81 10.44
CA ALA A 146 9.99 13.75 9.40
C ALA A 146 9.78 14.20 7.96
N VAL A 147 10.31 13.43 7.01
CA VAL A 147 10.04 13.74 5.59
C VAL A 147 8.85 12.90 5.23
N ILE A 148 7.83 13.45 4.60
CA ILE A 148 6.69 12.60 4.21
C ILE A 148 6.48 12.54 2.74
N THR A 149 6.22 11.34 2.27
CA THR A 149 5.98 11.16 0.85
C THR A 149 4.55 11.39 0.52
N THR A 150 4.36 11.68 -0.76
CA THR A 150 3.10 12.06 -1.39
C THR A 150 3.05 11.52 -2.82
N PRO A 151 1.87 11.25 -3.36
CA PRO A 151 2.01 10.74 -4.71
C PRO A 151 2.38 11.89 -5.63
N ALA A 152 3.08 11.61 -6.71
CA ALA A 152 3.45 12.68 -7.66
C ALA A 152 2.28 13.52 -8.21
N TYR A 153 1.12 12.94 -8.46
CA TYR A 153 0.00 13.79 -9.00
C TYR A 153 -0.71 14.69 -8.00
N PHE A 154 -0.33 14.63 -6.74
CA PHE A 154 -0.91 15.53 -5.74
C PHE A 154 -0.77 16.99 -6.16
N ASN A 155 -1.59 17.87 -5.58
CA ASN A 155 -1.49 19.30 -5.87
C ASN A 155 -1.18 19.99 -4.55
N ASP A 156 -1.04 21.32 -4.61
CA ASP A 156 -0.70 22.05 -3.42
C ASP A 156 -1.65 21.89 -2.25
N ALA A 157 -2.93 21.86 -2.57
CA ALA A 157 -3.94 21.68 -1.54
C ALA A 157 -3.68 20.38 -0.82
N GLN A 158 -3.37 19.37 -1.61
CA GLN A 158 -3.15 18.04 -1.13
C GLN A 158 -1.87 17.90 -0.37
N ARG A 159 -0.80 18.46 -0.91
CA ARG A 159 0.47 18.36 -0.21
C ARG A 159 0.32 19.02 1.13
N GLN A 160 -0.36 20.16 1.10
CA GLN A 160 -0.59 20.95 2.29
C GLN A 160 -1.42 20.18 3.32
N ALA A 161 -2.50 19.54 2.85
CA ALA A 161 -3.34 18.77 3.74
C ALA A 161 -2.44 17.77 4.42
N THR A 162 -1.42 17.32 3.71
CA THR A 162 -0.51 16.34 4.26
C THR A 162 0.35 16.98 5.36
N LYS A 163 0.91 18.16 5.12
CA LYS A 163 1.70 18.87 6.17
C LYS A 163 0.87 19.16 7.40
N ASP A 164 -0.40 19.45 7.19
CA ASP A 164 -1.30 19.75 8.27
C ASP A 164 -1.46 18.59 9.22
N ALA A 165 -1.68 17.43 8.64
CA ALA A 165 -1.88 16.28 9.43
C ALA A 165 -0.57 16.05 10.15
N GLY A 166 0.52 16.45 9.51
CA GLY A 166 1.82 16.26 10.12
C GLY A 166 1.85 17.07 11.40
N GLN A 167 1.46 18.34 11.28
CA GLN A 167 1.48 19.23 12.40
C GLN A 167 0.48 18.74 13.44
N ILE A 168 -0.74 18.40 13.04
CA ILE A 168 -1.72 17.95 14.02
C ILE A 168 -1.20 16.79 14.88
N ALA A 169 -0.18 16.10 14.40
CA ALA A 169 0.33 14.94 15.12
C ALA A 169 1.59 15.21 15.93
N GLY A 170 1.80 16.46 16.30
CA GLY A 170 2.99 16.82 17.07
C GLY A 170 4.27 16.58 16.29
N LEU A 171 4.16 16.60 14.96
CA LEU A 171 5.31 16.36 14.07
C LEU A 171 5.57 17.52 13.15
N ASN A 172 6.85 17.84 13.01
CA ASN A 172 7.30 18.93 12.18
C ASN A 172 7.74 18.34 10.86
N VAL A 173 6.91 18.51 9.85
CA VAL A 173 7.22 17.97 8.54
C VAL A 173 8.31 18.76 7.88
N LEU A 174 9.51 18.21 7.87
CA LEU A 174 10.64 18.89 7.28
C LEU A 174 10.66 19.38 5.84
N ARG A 175 10.62 18.43 4.92
CA ARG A 175 10.27 18.65 3.54
C ARG A 175 9.21 17.63 3.28
N ILE A 176 8.91 17.38 2.01
CA ILE A 176 7.85 16.45 1.65
C ILE A 176 7.99 16.03 0.20
N VAL A 177 8.38 14.76 -0.02
CA VAL A 177 8.63 14.26 -1.38
C VAL A 177 7.69 13.23 -1.94
N ASN A 178 7.68 13.14 -3.25
CA ASN A 178 6.74 12.24 -3.85
C ASN A 178 7.16 10.77 -4.04
N GLU A 179 6.22 9.88 -3.78
CA GLU A 179 6.41 8.43 -3.86
C GLU A 179 7.39 7.82 -4.89
N PRO A 180 7.26 8.21 -6.16
CA PRO A 180 8.28 7.67 -7.08
C PRO A 180 9.72 8.12 -6.69
N THR A 181 9.95 9.40 -6.49
CA THR A 181 11.25 9.92 -6.08
C THR A 181 11.71 9.14 -4.86
N ALA A 182 10.88 9.07 -3.82
CA ALA A 182 11.29 8.31 -2.63
C ALA A 182 11.87 6.95 -3.05
N ALA A 183 11.09 6.19 -3.81
CA ALA A 183 11.53 4.86 -4.26
C ALA A 183 12.92 4.90 -4.85
N ALA A 184 13.11 5.73 -5.90
CA ALA A 184 14.44 5.83 -6.53
C ALA A 184 15.52 6.11 -5.50
N LEU A 185 15.21 6.97 -4.53
CA LEU A 185 16.18 7.22 -3.46
C LEU A 185 16.48 5.98 -2.65
N ALA A 186 15.51 5.08 -2.52
CA ALA A 186 15.83 3.92 -1.70
C ALA A 186 16.91 3.11 -2.41
N TYR A 187 16.90 3.17 -3.75
CA TYR A 187 17.90 2.44 -4.55
C TYR A 187 19.02 3.36 -4.95
N GLY A 188 19.12 4.46 -4.21
CA GLY A 188 20.13 5.49 -4.43
C GLY A 188 20.46 5.64 -5.89
N LEU A 189 19.48 6.06 -6.71
CA LEU A 189 19.80 6.22 -8.13
C LEU A 189 20.14 7.64 -8.51
N ASP A 190 21.26 8.11 -7.96
CA ASP A 190 21.84 9.42 -8.20
C ASP A 190 23.29 9.19 -8.70
N LYS A 191 23.41 9.01 -10.01
CA LYS A 191 24.68 8.79 -10.69
C LYS A 191 25.45 10.09 -10.88
N LYS A 194 25.84 9.71 -14.66
CA LYS A 194 25.18 11.01 -14.52
C LYS A 194 23.67 10.92 -14.75
N GLU A 195 23.27 11.07 -16.02
CA GLU A 195 21.86 11.03 -16.44
C GLU A 195 21.26 9.61 -16.48
N GLN A 196 19.92 9.53 -16.36
CA GLN A 196 19.21 8.25 -16.36
C GLN A 196 17.71 8.40 -16.48
N ARG A 197 17.06 7.42 -17.12
CA ARG A 197 15.60 7.34 -17.21
C ARG A 197 15.20 6.13 -16.36
N ILE A 198 14.37 6.37 -15.34
CA ILE A 198 13.89 5.35 -14.39
C ILE A 198 12.38 5.17 -14.47
N LEU A 199 11.93 3.92 -14.52
CA LEU A 199 10.52 3.59 -14.57
C LEU A 199 10.09 3.09 -13.20
N VAL A 200 9.16 3.80 -12.55
CA VAL A 200 8.67 3.30 -11.27
C VAL A 200 7.27 2.71 -11.42
N PHE A 201 7.16 1.41 -11.22
CA PHE A 201 5.89 0.68 -11.35
C PHE A 201 5.37 0.38 -9.94
N ASP A 202 4.39 1.14 -9.51
CA ASP A 202 3.89 1.07 -8.13
C ASP A 202 2.50 0.49 -8.05
N LEU A 203 2.40 -0.73 -7.55
CA LEU A 203 1.08 -1.35 -7.39
C LEU A 203 0.76 -1.50 -5.90
N GLY A 204 0.07 -0.54 -5.29
CA GLY A 204 -0.24 -0.68 -3.84
C GLY A 204 -1.46 -1.55 -3.53
N GLY A 205 -1.96 -1.51 -2.30
CA GLY A 205 -3.13 -2.29 -1.96
C GLY A 205 -4.38 -1.75 -2.64
N GLY A 206 -4.44 -0.42 -2.87
CA GLY A 206 -5.60 0.23 -3.50
C GLY A 206 -5.44 1.10 -4.73
N THR A 207 -4.21 1.23 -5.25
CA THR A 207 -3.88 2.13 -6.35
C THR A 207 -2.78 1.59 -7.21
N PHE A 208 -2.71 2.08 -8.43
CA PHE A 208 -1.62 1.68 -9.30
C PHE A 208 -1.06 2.93 -9.99
N ASP A 209 0.22 3.19 -9.77
CA ASP A 209 0.90 4.37 -10.31
C ASP A 209 2.09 3.91 -11.12
N VAL A 210 2.34 4.57 -12.24
CA VAL A 210 3.54 4.26 -13.02
C VAL A 210 4.13 5.60 -13.48
N SER A 211 5.38 5.87 -13.14
CA SER A 211 5.99 7.17 -13.48
C SER A 211 7.30 7.03 -14.17
N LEU A 212 7.61 7.98 -15.04
CA LEU A 212 8.91 7.95 -15.68
C LEU A 212 9.74 9.10 -15.13
N LEU A 213 10.76 8.76 -14.37
CA LEU A 213 11.64 9.75 -13.78
C LEU A 213 12.84 9.99 -14.66
N GLU A 214 13.35 11.23 -14.65
CA GLU A 214 14.56 11.51 -15.40
C GLU A 214 15.57 12.14 -14.42
N ILE A 215 16.81 11.64 -14.48
CA ILE A 215 17.95 12.01 -13.63
C ILE A 215 19.08 12.66 -14.41
N GLY A 216 19.50 13.85 -13.96
CA GLY A 216 20.59 14.59 -14.60
C GLY A 216 21.95 14.18 -14.07
N GLY A 218 22.94 16.14 -10.10
CA GLY A 218 22.41 14.80 -9.84
C GLY A 218 20.97 14.93 -9.36
N VAL A 219 20.15 15.61 -10.16
CA VAL A 219 18.76 15.93 -9.83
C VAL A 219 17.66 14.99 -10.39
N VAL A 220 16.49 14.97 -9.73
CA VAL A 220 15.36 14.11 -10.15
C VAL A 220 14.00 14.75 -10.53
N GLU A 221 13.73 14.83 -11.82
CA GLU A 221 12.46 15.36 -12.25
C GLU A 221 11.52 14.21 -12.68
N VAL A 222 10.25 14.34 -12.34
CA VAL A 222 9.24 13.38 -12.71
C VAL A 222 8.74 13.82 -14.08
N ARG A 223 9.14 13.14 -15.15
CA ARG A 223 8.65 13.54 -16.49
C ARG A 223 7.23 13.17 -16.91
N ALA A 224 6.79 11.94 -16.69
CA ALA A 224 5.41 11.56 -17.09
C ALA A 224 4.73 10.65 -16.09
N THR A 225 3.43 10.75 -16.01
CA THR A 225 2.69 10.00 -15.03
C THR A 225 1.45 9.38 -15.56
N SER A 226 1.03 8.30 -14.90
CA SER A 226 -0.20 7.62 -15.26
C SER A 226 -0.50 6.59 -14.18
N GLY A 227 -1.66 5.95 -14.29
CA GLY A 227 -2.08 4.97 -13.33
C GLY A 227 -3.54 4.60 -13.46
N ASP A 228 -4.08 4.02 -12.41
CA ASP A 228 -5.45 3.61 -12.35
C ASP A 228 -5.71 3.71 -10.84
N ASN A 229 -6.45 4.75 -10.48
CA ASN A 229 -6.67 5.02 -9.11
C ASN A 229 -7.48 4.01 -8.33
N HIS A 230 -7.93 2.98 -9.02
CA HIS A 230 -8.78 2.03 -8.39
C HIS A 230 -8.34 0.65 -8.72
N LEU A 231 -7.00 0.53 -8.83
CA LEU A 231 -6.40 -0.73 -9.16
C LEU A 231 -5.42 -1.06 -8.09
N GLY A 232 -5.76 -1.98 -7.21
CA GLY A 232 -4.79 -2.38 -6.19
C GLY A 232 -4.84 -3.86 -5.90
N GLY A 233 -3.82 -4.30 -5.16
CA GLY A 233 -3.71 -5.66 -4.75
C GLY A 233 -4.96 -6.11 -4.01
N ASP A 234 -5.61 -5.22 -3.26
CA ASP A 234 -6.84 -5.65 -2.56
C ASP A 234 -7.89 -6.29 -3.48
N ASP A 235 -7.82 -5.96 -4.77
CA ASP A 235 -8.75 -6.46 -5.77
C ASP A 235 -8.44 -7.88 -6.11
N TRP A 236 -7.15 -8.22 -6.13
CA TRP A 236 -6.71 -9.59 -6.38
C TRP A 236 -7.27 -10.46 -5.28
N ASP A 237 -7.07 -10.05 -4.03
CA ASP A 237 -7.64 -10.76 -2.88
C ASP A 237 -9.16 -10.86 -2.98
N GLN A 238 -9.79 -9.81 -3.53
CA GLN A 238 -11.22 -9.83 -3.64
C GLN A 238 -11.72 -10.96 -4.54
N ARG A 239 -11.03 -11.16 -5.67
CA ARG A 239 -11.43 -12.17 -6.63
C ARG A 239 -11.40 -13.55 -5.98
N VAL A 240 -10.36 -13.77 -5.18
CA VAL A 240 -10.23 -15.02 -4.45
C VAL A 240 -11.38 -15.15 -3.44
N VAL A 241 -11.77 -14.08 -2.78
CA VAL A 241 -12.89 -14.20 -1.86
C VAL A 241 -14.13 -14.63 -2.65
N ASP A 242 -14.32 -14.05 -3.84
CA ASP A 242 -15.48 -14.39 -4.67
C ASP A 242 -15.45 -15.84 -5.11
N TRP A 243 -14.29 -16.27 -5.54
CA TRP A 243 -14.12 -17.62 -6.02
C TRP A 243 -14.49 -18.58 -4.90
N LEU A 244 -13.99 -18.28 -3.70
CA LEU A 244 -14.31 -19.07 -2.55
C LEU A 244 -15.78 -19.05 -2.27
N VAL A 245 -16.43 -17.94 -2.48
CA VAL A 245 -17.85 -17.92 -2.19
C VAL A 245 -18.68 -18.77 -3.16
N ASP A 246 -18.26 -18.82 -4.42
CA ASP A 246 -18.99 -19.56 -5.44
C ASP A 246 -18.79 -21.02 -5.23
N LYS A 247 -17.51 -21.42 -5.13
CA LYS A 247 -17.17 -22.80 -4.94
C LYS A 247 -17.88 -23.41 -3.74
N PHE A 248 -17.97 -22.60 -2.69
CA PHE A 248 -18.67 -23.07 -1.52
C PHE A 248 -20.16 -23.22 -1.75
N LYS A 249 -20.77 -22.17 -2.27
CA LYS A 249 -22.18 -22.19 -2.56
C LYS A 249 -22.43 -23.43 -3.41
N GLY A 250 -21.59 -23.65 -4.43
CA GLY A 250 -21.70 -24.79 -5.31
C GLY A 250 -21.79 -26.13 -4.59
N THR A 251 -21.09 -26.22 -3.47
CA THR A 251 -21.02 -27.39 -2.59
C THR A 251 -22.19 -27.48 -1.61
N SER A 252 -22.44 -26.40 -0.88
CA SER A 252 -23.45 -26.38 0.16
C SER A 252 -24.77 -25.70 -0.13
N GLY A 253 -24.83 -24.90 -1.19
CA GLY A 253 -26.06 -24.18 -1.51
C GLY A 253 -26.23 -23.02 -0.54
N ILE A 254 -25.20 -22.76 0.27
CA ILE A 254 -25.22 -21.67 1.24
C ILE A 254 -24.48 -20.43 0.70
N ASP A 255 -25.11 -19.27 0.86
CA ASP A 255 -24.50 -17.99 0.47
C ASP A 255 -23.85 -17.45 1.72
N LEU A 256 -22.54 -17.27 1.66
CA LEU A 256 -21.83 -16.77 2.82
C LEU A 256 -21.79 -15.27 2.98
N THR A 257 -22.01 -14.54 1.89
CA THR A 257 -21.91 -13.08 1.91
C THR A 257 -22.65 -12.46 3.06
N LYS A 258 -23.77 -13.07 3.42
CA LYS A 258 -24.58 -12.53 4.50
C LYS A 258 -24.13 -12.92 5.92
N ASP A 259 -22.92 -13.47 6.03
CA ASP A 259 -22.37 -13.89 7.32
C ASP A 259 -21.06 -13.14 7.50
N LYS A 260 -21.04 -12.19 8.43
CA LYS A 260 -19.84 -11.39 8.65
C LYS A 260 -18.62 -12.17 9.15
N MET A 261 -18.81 -13.03 10.16
CA MET A 261 -17.73 -13.85 10.70
C MET A 261 -17.03 -14.68 9.61
N ALA A 262 -17.83 -15.42 8.85
CA ALA A 262 -17.31 -16.23 7.77
C ALA A 262 -16.54 -15.36 6.78
N MET A 263 -17.15 -14.28 6.37
CA MET A 263 -16.53 -13.39 5.40
C MET A 263 -15.16 -12.87 5.81
N GLN A 264 -15.06 -12.52 7.08
CA GLN A 264 -13.82 -12.06 7.63
C GLN A 264 -12.84 -13.22 7.51
N ARG A 265 -13.29 -14.41 7.92
CA ARG A 265 -12.43 -15.58 7.87
C ARG A 265 -11.96 -15.78 6.43
N LEU A 266 -12.86 -15.57 5.49
CA LEU A 266 -12.46 -15.70 4.10
C LEU A 266 -11.45 -14.68 3.62
N ARG A 267 -11.57 -13.43 4.08
CA ARG A 267 -10.61 -12.42 3.66
C ARG A 267 -9.22 -12.84 4.10
N GLU A 268 -9.06 -13.19 5.38
CA GLU A 268 -7.76 -13.69 5.88
C GLU A 268 -7.24 -14.77 4.97
N ALA A 269 -8.02 -15.83 4.83
CA ALA A 269 -7.61 -16.96 4.00
C ALA A 269 -7.29 -16.52 2.57
N ALA A 270 -8.14 -15.68 2.00
CA ALA A 270 -7.88 -15.25 0.64
C ALA A 270 -6.52 -14.57 0.57
N GLU A 271 -6.17 -13.79 1.59
CA GLU A 271 -4.89 -13.10 1.52
C GLU A 271 -3.72 -14.04 1.56
N LYS A 272 -3.70 -14.91 2.55
CA LYS A 272 -2.61 -15.85 2.65
C LYS A 272 -2.53 -16.68 1.36
N ALA A 273 -3.67 -17.02 0.79
CA ALA A 273 -3.65 -17.79 -0.45
C ALA A 273 -2.92 -16.97 -1.51
N LYS A 274 -3.31 -15.70 -1.68
CA LYS A 274 -2.61 -14.92 -2.69
C LYS A 274 -1.12 -15.01 -2.43
N ILE A 275 -0.72 -14.90 -1.17
CA ILE A 275 0.69 -14.96 -0.82
C ILE A 275 1.37 -16.28 -1.17
N GLU A 276 0.82 -17.42 -0.70
CA GLU A 276 1.44 -18.68 -1.08
C GLU A 276 1.59 -18.77 -2.59
N LEU A 277 0.72 -18.08 -3.33
CA LEU A 277 0.81 -18.19 -4.79
C LEU A 277 1.98 -17.49 -5.46
N SER A 278 2.64 -16.60 -4.73
CA SER A 278 3.80 -15.93 -5.28
C SER A 278 5.01 -16.90 -5.24
N SER A 279 4.83 -18.12 -4.72
CA SER A 279 5.94 -19.08 -4.55
C SER A 279 5.60 -20.47 -4.99
N SER A 280 4.37 -20.83 -4.70
CA SER A 280 3.94 -22.13 -5.05
C SER A 280 3.08 -22.02 -6.28
N GLN A 281 2.85 -23.17 -6.90
CA GLN A 281 2.02 -23.28 -8.06
C GLN A 281 0.67 -23.75 -7.57
N SER A 282 0.47 -23.70 -6.25
CA SER A 282 -0.76 -24.21 -5.68
C SER A 282 -0.95 -23.96 -4.20
N THR A 283 -2.19 -23.84 -3.73
CA THR A 283 -2.44 -23.58 -2.30
C THR A 283 -3.77 -24.12 -1.85
N SER A 284 -3.83 -24.58 -0.60
CA SER A 284 -5.09 -25.08 -0.08
C SER A 284 -5.73 -24.19 0.97
N ILE A 285 -7.04 -24.02 0.81
CA ILE A 285 -7.78 -23.25 1.76
C ILE A 285 -8.63 -24.28 2.50
N ASN A 286 -8.48 -24.22 3.80
CA ASN A 286 -9.16 -25.12 4.66
C ASN A 286 -9.71 -24.30 5.79
N LEU A 287 -11.03 -24.20 5.86
CA LEU A 287 -11.68 -23.47 6.94
C LEU A 287 -12.66 -24.34 7.67
N PRO A 288 -12.22 -24.87 8.82
CA PRO A 288 -13.03 -25.74 9.59
C PRO A 288 -14.18 -24.97 10.17
N TYR A 289 -15.29 -25.68 10.19
N TYR A 289 -15.27 -25.66 10.44
CA TYR A 289 -16.57 -25.30 10.72
CA TYR A 289 -16.47 -25.10 11.06
C TYR A 289 -16.80 -23.80 10.62
C TYR A 289 -16.68 -23.65 10.62
N ILE A 290 -17.04 -23.44 9.37
CA ILE A 290 -17.30 -22.10 8.92
C ILE A 290 -18.77 -21.68 9.08
N THR A 291 -19.70 -22.64 9.05
CA THR A 291 -21.14 -22.45 9.32
C THR A 291 -21.81 -23.79 9.61
N VAL A 292 -23.14 -23.77 9.62
CA VAL A 292 -23.95 -24.97 9.90
C VAL A 292 -25.27 -25.00 9.08
N ASP A 293 -26.28 -25.77 9.60
CA ASP A 293 -27.60 -26.02 8.96
C ASP A 293 -28.73 -26.44 9.95
N ASN A 297 -25.56 -28.40 12.18
CA ASN A 297 -24.40 -29.14 11.67
C ASN A 297 -23.27 -28.32 10.97
N PRO A 298 -22.02 -28.44 11.47
CA PRO A 298 -20.93 -27.67 10.88
C PRO A 298 -20.55 -28.13 9.47
N LEU A 299 -19.91 -27.24 8.74
CA LEU A 299 -19.45 -27.54 7.40
C LEU A 299 -18.03 -27.03 7.27
N PHE A 300 -17.17 -27.82 6.66
CA PHE A 300 -15.77 -27.51 6.45
C PHE A 300 -15.66 -26.89 5.05
N LEU A 301 -14.76 -25.91 4.87
CA LEU A 301 -14.50 -25.34 3.55
C LEU A 301 -13.10 -25.82 3.18
N ASP A 302 -13.01 -26.52 2.08
CA ASP A 302 -11.77 -27.14 1.67
C ASP A 302 -11.62 -27.02 0.19
N GLU A 303 -10.71 -26.18 -0.24
CA GLU A 303 -10.62 -26.01 -1.66
C GLU A 303 -9.20 -25.68 -2.11
N GLN A 304 -8.83 -26.10 -3.31
CA GLN A 304 -7.46 -25.87 -3.83
C GLN A 304 -7.40 -24.86 -4.98
N LEU A 305 -6.63 -23.79 -4.79
CA LEU A 305 -6.52 -22.83 -5.86
C LEU A 305 -5.17 -22.93 -6.53
N THR A 306 -5.20 -23.20 -7.84
CA THR A 306 -4.00 -23.25 -8.64
C THR A 306 -3.58 -21.85 -9.00
N ARG A 307 -2.27 -21.63 -9.00
CA ARG A 307 -1.76 -20.37 -9.45
C ARG A 307 -2.45 -20.03 -10.80
N ALA A 308 -2.42 -20.95 -11.74
CA ALA A 308 -3.06 -20.73 -13.05
C ALA A 308 -4.51 -20.23 -12.93
N GLU A 309 -5.28 -20.83 -12.02
CA GLU A 309 -6.68 -20.48 -11.82
C GLU A 309 -6.64 -19.05 -11.32
N PHE A 310 -5.85 -18.83 -10.29
CA PHE A 310 -5.71 -17.52 -9.74
C PHE A 310 -5.42 -16.56 -10.86
N GLN A 311 -4.42 -16.82 -11.67
CA GLN A 311 -4.13 -15.88 -12.72
C GLN A 311 -5.29 -15.62 -13.63
N ARG A 312 -6.07 -16.66 -13.89
CA ARG A 312 -7.22 -16.54 -14.76
C ARG A 312 -8.30 -15.62 -14.22
N ILE A 313 -8.64 -15.74 -12.94
CA ILE A 313 -9.71 -14.90 -12.44
C ILE A 313 -9.22 -13.54 -12.05
N THR A 314 -8.02 -13.22 -12.49
CA THR A 314 -7.40 -11.96 -12.14
C THR A 314 -6.75 -11.23 -13.30
N GLN A 315 -6.86 -11.87 -14.45
CA GLN A 315 -6.28 -11.43 -15.69
C GLN A 315 -6.67 -9.99 -16.10
N ASP A 316 -7.94 -9.62 -15.88
CA ASP A 316 -8.41 -8.28 -16.22
C ASP A 316 -7.74 -7.28 -15.28
N LEU A 317 -7.59 -7.65 -14.02
CA LEU A 317 -6.95 -6.73 -13.11
C LEU A 317 -5.54 -6.53 -13.59
N LEU A 318 -4.83 -7.57 -14.00
CA LEU A 318 -3.45 -7.36 -14.40
C LEU A 318 -3.30 -6.53 -15.68
N ASP A 319 -4.13 -6.83 -16.66
CA ASP A 319 -4.08 -6.14 -17.93
C ASP A 319 -4.32 -4.67 -17.81
N ARG A 320 -4.93 -4.29 -16.70
CA ARG A 320 -5.34 -2.91 -16.50
C ARG A 320 -4.04 -2.08 -16.35
N THR A 321 -2.92 -2.75 -16.33
CA THR A 321 -1.63 -2.16 -16.17
C THR A 321 -0.90 -1.76 -17.46
N ARG A 322 -1.36 -2.27 -18.59
CA ARG A 322 -0.73 -2.02 -19.87
C ARG A 322 -0.84 -0.59 -20.35
N LYS A 323 -2.09 -0.16 -20.54
CA LYS A 323 -2.35 1.16 -21.04
C LYS A 323 -1.62 2.27 -20.25
N PRO A 324 -1.68 2.25 -18.90
CA PRO A 324 -0.98 3.35 -18.18
C PRO A 324 0.51 3.29 -18.41
N PHE A 325 1.07 2.08 -18.37
CA PHE A 325 2.49 1.94 -18.62
C PHE A 325 2.76 2.52 -19.99
N GLN A 326 1.98 2.09 -20.96
CA GLN A 326 2.19 2.50 -22.32
C GLN A 326 2.08 4.00 -22.50
N SER A 327 1.17 4.61 -21.76
CA SER A 327 0.93 6.04 -21.79
C SER A 327 2.17 6.78 -21.37
N VAL A 328 2.63 6.49 -20.16
CA VAL A 328 3.83 7.12 -19.64
C VAL A 328 4.97 7.09 -20.63
N ILE A 329 5.07 6.00 -21.39
CA ILE A 329 6.10 5.85 -22.39
C ILE A 329 5.93 6.84 -23.55
N ALA A 330 4.74 6.84 -24.15
CA ALA A 330 4.40 7.73 -25.26
C ALA A 330 4.55 9.24 -24.92
N ASP A 331 4.11 9.65 -23.73
CA ASP A 331 4.24 11.05 -23.27
C ASP A 331 5.68 11.46 -23.40
N THR A 332 6.55 10.63 -22.85
CA THR A 332 7.99 10.86 -22.84
C THR A 332 8.62 10.75 -24.22
N GLY A 333 8.03 9.92 -25.08
CA GLY A 333 8.56 9.69 -26.43
C GLY A 333 9.87 8.95 -26.26
N ILE A 334 9.77 7.71 -25.83
CA ILE A 334 10.91 6.87 -25.55
C ILE A 334 10.68 5.46 -26.03
N SER A 335 11.76 4.78 -26.42
CA SER A 335 11.64 3.39 -26.77
C SER A 335 11.92 2.74 -25.43
N VAL A 336 11.25 1.62 -25.17
CA VAL A 336 11.46 0.87 -23.93
C VAL A 336 12.94 0.53 -23.70
N SER A 337 13.69 0.34 -24.78
CA SER A 337 15.09 0.02 -24.67
C SER A 337 15.92 1.12 -23.97
N GLU A 338 15.35 2.31 -23.81
CA GLU A 338 16.07 3.41 -23.20
C GLU A 338 15.77 3.60 -21.70
N ILE A 339 15.08 2.63 -21.10
CA ILE A 339 14.80 2.69 -19.68
C ILE A 339 16.09 2.19 -19.03
N ASP A 340 16.69 2.98 -18.15
CA ASP A 340 17.92 2.55 -17.51
C ASP A 340 17.62 1.63 -16.35
N HIS A 341 16.57 1.94 -15.59
CA HIS A 341 16.19 1.12 -14.45
C HIS A 341 14.70 1.14 -14.22
N VAL A 342 14.21 0.05 -13.62
CA VAL A 342 12.83 -0.09 -13.20
C VAL A 342 12.81 -0.53 -11.76
N VAL A 343 11.99 0.11 -10.95
CA VAL A 343 11.97 -0.26 -9.57
C VAL A 343 10.52 -0.49 -9.23
N LEU A 344 10.33 -1.61 -8.57
CA LEU A 344 9.02 -2.01 -8.22
C LEU A 344 8.62 -1.60 -6.85
N VAL A 345 7.53 -0.87 -6.72
CA VAL A 345 6.98 -0.51 -5.41
C VAL A 345 5.69 -1.33 -5.28
N GLY A 346 5.35 -1.81 -4.10
CA GLY A 346 4.12 -2.55 -3.90
C GLY A 346 4.40 -3.99 -3.56
N GLY A 347 3.90 -4.43 -2.41
CA GLY A 347 4.03 -5.87 -2.10
C GLY A 347 3.43 -6.75 -3.23
N SER A 348 2.37 -6.29 -3.91
CA SER A 348 1.81 -7.17 -4.93
C SER A 348 2.55 -7.25 -6.26
N THR A 349 3.74 -6.68 -6.29
CA THR A 349 4.61 -6.77 -7.43
C THR A 349 5.35 -8.11 -7.32
N ARG A 350 5.27 -8.68 -6.12
CA ARG A 350 5.91 -9.94 -5.83
C ARG A 350 5.29 -11.03 -6.72
N MET A 351 4.03 -10.84 -7.14
CA MET A 351 3.34 -11.83 -7.96
C MET A 351 4.03 -12.12 -9.25
N PRO A 352 4.19 -13.40 -9.53
CA PRO A 352 4.87 -13.82 -10.73
C PRO A 352 4.29 -13.15 -11.97
N ALA A 353 2.98 -13.20 -12.09
CA ALA A 353 2.36 -12.62 -13.25
C ALA A 353 2.79 -11.19 -13.46
N VAL A 354 2.90 -10.39 -12.39
CA VAL A 354 3.26 -9.01 -12.66
C VAL A 354 4.69 -8.95 -13.14
N THR A 355 5.54 -9.73 -12.48
CA THR A 355 6.90 -9.75 -12.87
C THR A 355 7.00 -10.11 -14.33
N ASP A 356 6.31 -11.16 -14.73
CA ASP A 356 6.37 -11.55 -16.13
C ASP A 356 5.92 -10.44 -17.04
N LEU A 357 4.84 -9.76 -16.64
CA LEU A 357 4.31 -8.72 -17.45
C LEU A 357 5.27 -7.58 -17.52
N VAL A 358 5.86 -7.21 -16.39
CA VAL A 358 6.78 -6.09 -16.41
C VAL A 358 7.93 -6.43 -17.32
N LYS A 359 8.41 -7.66 -17.25
CA LYS A 359 9.50 -8.05 -18.11
C LYS A 359 9.13 -7.75 -19.54
N GLU A 360 8.00 -8.28 -20.03
CA GLU A 360 7.65 -8.00 -21.44
C GLU A 360 7.41 -6.55 -21.79
N LEU A 361 6.80 -5.79 -20.90
CA LEU A 361 6.58 -4.39 -21.27
C LEU A 361 7.93 -3.67 -21.37
N THR A 362 8.85 -4.03 -20.47
CA THR A 362 10.15 -3.36 -20.41
C THR A 362 11.19 -3.91 -21.37
N GLY A 363 10.78 -4.84 -22.25
CA GLY A 363 11.71 -5.41 -23.21
C GLY A 363 12.71 -6.41 -22.64
N GLY A 364 12.42 -6.95 -21.45
CA GLY A 364 13.29 -7.93 -20.80
C GLY A 364 14.17 -7.40 -19.67
N LYS A 365 14.08 -6.11 -19.38
CA LYS A 365 14.87 -5.45 -18.34
C LYS A 365 14.57 -5.98 -16.95
N GLU A 366 15.59 -6.34 -16.18
CA GLU A 366 15.32 -6.80 -14.80
C GLU A 366 15.19 -5.62 -13.82
N PRO A 367 14.16 -5.65 -12.99
CA PRO A 367 14.00 -4.54 -12.05
C PRO A 367 15.02 -4.64 -10.93
N ASN A 368 15.32 -3.53 -10.27
CA ASN A 368 16.22 -3.60 -9.16
C ASN A 368 15.58 -4.43 -8.03
N LYS A 369 16.35 -5.06 -7.17
CA LYS A 369 15.78 -5.72 -6.02
C LYS A 369 16.74 -5.35 -4.94
N GLY A 370 16.32 -5.56 -3.70
CA GLY A 370 17.16 -5.26 -2.55
C GLY A 370 16.31 -4.79 -1.39
N VAL A 371 15.41 -3.84 -1.63
CA VAL A 371 14.52 -3.23 -0.65
C VAL A 371 13.14 -3.88 -0.70
N ASN A 372 12.53 -4.09 0.46
CA ASN A 372 11.23 -4.72 0.42
C ASN A 372 10.37 -3.79 -0.42
N PRO A 373 9.74 -4.32 -1.47
CA PRO A 373 9.01 -3.44 -2.36
C PRO A 373 7.90 -2.74 -1.71
N ASP A 374 7.63 -2.99 -0.45
CA ASP A 374 6.58 -2.15 0.03
C ASP A 374 7.04 -1.40 1.26
N GLU A 375 8.34 -1.19 1.30
CA GLU A 375 9.02 -0.45 2.32
C GLU A 375 9.85 0.57 1.56
N VAL A 376 9.97 0.33 0.26
CA VAL A 376 10.76 1.18 -0.62
C VAL A 376 10.48 2.71 -0.56
N VAL A 377 9.22 3.16 -0.42
CA VAL A 377 9.06 4.62 -0.43
C VAL A 377 9.46 5.16 0.94
N ALA A 378 9.00 4.52 2.02
CA ALA A 378 9.35 4.96 3.36
C ALA A 378 10.85 4.99 3.47
N VAL A 379 11.53 4.02 2.88
CA VAL A 379 12.99 4.03 2.95
C VAL A 379 13.60 5.18 2.21
N GLY A 380 13.10 5.48 1.03
CA GLY A 380 13.62 6.61 0.30
C GLY A 380 13.44 7.83 1.21
N ALA A 381 12.27 7.92 1.83
CA ALA A 381 11.92 9.01 2.76
C ALA A 381 12.94 9.22 3.87
N ALA A 382 13.22 8.19 4.67
CA ALA A 382 14.20 8.36 5.75
C ALA A 382 15.54 8.79 5.18
N LEU A 383 15.80 8.39 3.94
CA LEU A 383 17.04 8.82 3.28
C LEU A 383 17.07 10.31 2.99
N GLN A 384 15.99 10.87 2.44
CA GLN A 384 15.94 12.29 2.16
C GLN A 384 15.99 13.07 3.47
N ALA A 385 15.25 12.59 4.48
CA ALA A 385 15.22 13.19 5.81
C ALA A 385 16.64 13.18 6.37
N GLY A 386 17.48 12.36 5.78
CA GLY A 386 18.85 12.25 6.23
C GLY A 386 19.69 13.32 5.60
N VAL A 387 19.45 13.56 4.31
CA VAL A 387 20.19 14.59 3.57
C VAL A 387 20.06 15.94 4.29
N LEU A 388 18.93 16.11 4.96
CA LEU A 388 18.67 17.32 5.71
C LEU A 388 19.15 17.57 7.14
N LYS A 389 18.61 16.82 8.10
CA LYS A 389 19.13 16.51 9.44
C LYS A 389 20.57 15.98 9.41
#